data_8DBB
#
_entry.id   8DBB
#
_cell.length_a   83.721
_cell.length_b   83.721
_cell.length_c   40.633
_cell.angle_alpha   90.00
_cell.angle_beta   90.00
_cell.angle_gamma   120.00
#
_symmetry.space_group_name_H-M   'P 3'
#
loop_
_entity.id
_entity.type
_entity.pdbx_description
1 polymer 'D-dopachrome decarboxylase'
2 non-polymer 'pyridine-2,5-dicarboxylic acid'
3 non-polymer 'CITRIC ACID'
4 water water
#
_entity_poly.entity_id   1
_entity_poly.type   'polypeptide(L)'
_entity_poly.pdbx_seq_one_letter_code
;MPFLELDTNLPANRVPAGLEKRLCAAAASILGKPADRVNVTVRPGLAMALSGSTEPCAQLSISSIGVVGTAEDNRSHSAH
FFEFLTKELALGQDRILIRFFPLESWQIGKIGTVMTFL
;
_entity_poly.pdbx_strand_id   A,B,C
#
loop_
_chem_comp.id
_chem_comp.type
_chem_comp.name
_chem_comp.formula
CIT non-polymer 'CITRIC ACID' 'C6 H8 O7'
R3K non-polymer 'pyridine-2,5-dicarboxylic acid' 'C7 H5 N O4'
#
# COMPACT_ATOMS: atom_id res chain seq x y z
N PRO A 2 -3.45 -11.76 4.51
CA PRO A 2 -2.62 -12.97 4.62
C PRO A 2 -2.82 -13.58 6.00
N PHE A 3 -2.56 -14.89 6.12
CA PHE A 3 -2.68 -15.61 7.39
C PHE A 3 -1.36 -16.32 7.63
N LEU A 4 -0.68 -15.94 8.72
CA LEU A 4 0.61 -16.51 9.10
C LEU A 4 0.45 -17.20 10.44
N GLU A 5 1.00 -18.42 10.52
CA GLU A 5 1.05 -19.18 11.79
C GLU A 5 2.48 -19.62 12.04
N LEU A 6 3.01 -19.30 13.22
CA LEU A 6 4.42 -19.57 13.57
C LEU A 6 4.40 -20.48 14.81
N ASP A 7 4.87 -21.71 14.67
CA ASP A 7 5.07 -22.65 15.79
C ASP A 7 6.53 -22.61 16.18
N THR A 8 6.81 -22.59 17.48
CA THR A 8 8.22 -22.65 17.92
C THR A 8 8.34 -23.40 19.24
N ASN A 9 9.49 -24.04 19.41
CA ASN A 9 9.87 -24.65 20.71
C ASN A 9 10.66 -23.67 21.54
N LEU A 10 10.90 -22.45 21.09
CA LEU A 10 11.34 -21.39 22.01
C LEU A 10 10.25 -21.18 23.03
N PRO A 11 10.59 -21.13 24.36
CA PRO A 11 9.60 -20.71 25.32
C PRO A 11 9.12 -19.28 24.98
N ALA A 12 7.91 -18.95 25.46
CA ALA A 12 7.37 -17.59 25.25
C ALA A 12 8.38 -16.52 25.67
N ASN A 13 9.14 -16.75 26.75
CA ASN A 13 10.07 -15.70 27.23
C ASN A 13 11.40 -15.66 26.45
N ARG A 14 11.51 -16.39 25.36
CA ARG A 14 12.61 -16.28 24.38
C ARG A 14 12.08 -15.88 23.00
N VAL A 15 10.84 -15.46 22.91
CA VAL A 15 10.27 -14.87 21.67
C VAL A 15 10.18 -13.38 21.98
N PRO A 16 10.90 -12.51 21.25
CA PRO A 16 10.95 -11.11 21.62
C PRO A 16 9.57 -10.48 21.71
N ALA A 17 9.38 -9.63 22.70
CA ALA A 17 8.11 -8.91 22.90
C ALA A 17 7.77 -8.16 21.63
N GLY A 18 6.53 -8.26 21.21
CA GLY A 18 6.04 -7.54 20.03
C GLY A 18 6.33 -8.24 18.70
N LEU A 19 6.87 -9.44 18.72
CA LEU A 19 7.21 -10.13 17.46
C LEU A 19 6.01 -10.21 16.53
N GLU A 20 4.84 -10.52 17.05
CA GLU A 20 3.64 -10.70 16.20
C GLU A 20 3.31 -9.40 15.46
N LYS A 21 3.55 -8.26 16.07
CA LYS A 21 3.35 -6.93 15.46
C LYS A 21 4.41 -6.70 14.36
N ARG A 22 5.69 -6.91 14.67
CA ARG A 22 6.73 -6.62 13.66
C ARG A 22 6.62 -7.64 12.52
N LEU A 23 6.23 -8.88 12.80
CA LEU A 23 6.06 -9.86 11.71
C LEU A 23 4.85 -9.49 10.87
N CYS A 24 3.80 -8.95 11.47
CA CYS A 24 2.66 -8.44 10.70
C CYS A 24 3.12 -7.39 9.66
N ALA A 25 3.82 -6.39 10.15
CA ALA A 25 4.31 -5.33 9.26
C ALA A 25 5.23 -5.89 8.17
N ALA A 26 6.14 -6.77 8.53
CA ALA A 26 7.07 -7.33 7.54
C ALA A 26 6.28 -8.13 6.49
N ALA A 27 5.34 -8.96 6.93
CA ALA A 27 4.55 -9.79 6.00
C ALA A 27 3.74 -8.92 5.03
N ALA A 28 3.21 -7.79 5.51
CA ALA A 28 2.46 -6.90 4.63
C ALA A 28 3.40 -6.44 3.51
N SER A 29 4.60 -6.00 3.87
CA SER A 29 5.59 -5.52 2.89
C SER A 29 5.97 -6.64 1.91
N ILE A 30 6.32 -7.79 2.46
CA ILE A 30 6.83 -8.91 1.64
C ILE A 30 5.78 -9.39 0.64
N LEU A 31 4.54 -9.50 1.11
CA LEU A 31 3.48 -10.11 0.30
C LEU A 31 2.77 -9.08 -0.56
N GLY A 32 3.00 -7.80 -0.31
CA GLY A 32 2.32 -6.70 -1.07
C GLY A 32 0.83 -6.58 -0.74
N LYS A 33 0.50 -6.74 0.53
CA LYS A 33 -0.90 -6.70 1.02
C LYS A 33 -0.91 -5.68 2.15
N PRO A 34 -2.05 -5.04 2.41
CA PRO A 34 -2.15 -4.06 3.50
C PRO A 34 -1.92 -4.68 4.89
N ALA A 35 -1.30 -3.98 5.83
CA ALA A 35 -1.05 -4.56 7.18
C ALA A 35 -2.36 -4.83 7.93
N ASP A 36 -3.39 -4.06 7.63
CA ASP A 36 -4.71 -4.26 8.27
C ASP A 36 -5.45 -5.45 7.67
N ARG A 37 -4.79 -6.17 6.75
CA ARG A 37 -5.29 -7.46 6.20
C ARG A 37 -4.32 -8.59 6.56
N VAL A 38 -3.35 -8.34 7.42
CA VAL A 38 -2.39 -9.39 7.82
C VAL A 38 -2.76 -9.91 9.19
N ASN A 39 -2.64 -11.23 9.32
CA ASN A 39 -3.00 -11.99 10.51
C ASN A 39 -1.78 -12.82 10.90
N VAL A 40 -1.38 -12.76 12.15
CA VAL A 40 -0.21 -13.50 12.67
C VAL A 40 -0.64 -14.23 13.93
N THR A 41 -0.30 -15.49 14.03
CA THR A 41 -0.51 -16.33 15.23
C THR A 41 0.84 -16.95 15.60
N VAL A 42 1.31 -16.74 16.82
CA VAL A 42 2.56 -17.32 17.35
C VAL A 42 2.18 -18.28 18.46
N ARG A 43 2.68 -19.51 18.34
CA ARG A 43 2.43 -20.61 19.30
C ARG A 43 3.78 -21.06 19.83
N PRO A 44 4.23 -20.50 20.99
CA PRO A 44 5.52 -20.86 21.56
C PRO A 44 5.46 -22.00 22.56
N GLY A 45 6.61 -22.44 23.02
CA GLY A 45 6.74 -23.46 24.06
C GLY A 45 6.31 -24.85 23.66
N LEU A 46 6.27 -25.15 22.36
CA LEU A 46 5.85 -26.45 21.83
C LEU A 46 7.03 -27.42 21.89
N ALA A 47 6.72 -28.71 21.74
CA ALA A 47 7.74 -29.77 21.59
C ALA A 47 7.93 -29.96 20.09
N MET A 48 9.13 -29.73 19.57
CA MET A 48 9.34 -29.77 18.11
C MET A 48 10.66 -30.46 17.75
N ALA A 49 10.61 -31.18 16.65
CA ALA A 49 11.81 -31.59 15.90
C ALA A 49 11.70 -30.92 14.53
N LEU A 50 12.79 -30.28 14.07
CA LEU A 50 12.88 -29.69 12.71
C LEU A 50 14.10 -30.32 12.05
N SER A 51 13.92 -30.89 10.86
CA SER A 51 14.99 -31.60 10.14
C SER A 51 15.61 -32.64 11.10
N GLY A 52 14.76 -33.35 11.85
CA GLY A 52 15.21 -34.46 12.71
C GLY A 52 15.81 -34.05 14.04
N SER A 53 15.91 -32.77 14.34
CA SER A 53 16.63 -32.24 15.54
C SER A 53 15.67 -31.46 16.44
N THR A 54 15.81 -31.57 17.76
CA THR A 54 14.95 -30.87 18.75
C THR A 54 15.61 -29.56 19.23
N GLU A 55 16.71 -29.14 18.64
CA GLU A 55 17.27 -27.81 18.97
C GLU A 55 16.26 -26.71 18.66
N PRO A 56 16.40 -25.51 19.25
CA PRO A 56 15.46 -24.42 18.98
C PRO A 56 15.21 -24.24 17.47
N CYS A 57 13.96 -24.01 17.11
CA CYS A 57 13.52 -23.97 15.71
C CYS A 57 12.17 -23.24 15.62
N ALA A 58 11.74 -22.98 14.39
CA ALA A 58 10.39 -22.43 14.13
C ALA A 58 9.90 -22.91 12.77
N GLN A 59 8.59 -23.10 12.71
CA GLN A 59 7.88 -23.43 11.46
C GLN A 59 6.90 -22.30 11.15
N LEU A 60 6.91 -21.79 9.94
CA LEU A 60 6.01 -20.73 9.50
C LEU A 60 5.11 -21.23 8.38
N SER A 61 3.80 -21.01 8.48
CA SER A 61 2.84 -21.26 7.39
C SER A 61 2.29 -19.93 6.94
N ILE A 62 2.17 -19.74 5.64
CA ILE A 62 1.69 -18.48 5.04
C ILE A 62 0.60 -18.80 4.03
N SER A 63 -0.55 -18.17 4.16
CA SER A 63 -1.69 -18.42 3.26
C SER A 63 -2.24 -17.08 2.78
N SER A 64 -2.51 -16.97 1.48
CA SER A 64 -3.00 -15.70 0.89
C SER A 64 -3.57 -15.97 -0.49
N ILE A 65 -4.48 -15.07 -0.93
CA ILE A 65 -4.99 -15.10 -2.32
C ILE A 65 -3.92 -14.52 -3.25
N GLY A 66 -3.66 -15.23 -4.36
CA GLY A 66 -2.96 -14.66 -5.52
C GLY A 66 -1.44 -14.57 -5.45
N VAL A 67 -0.82 -14.39 -4.28
CA VAL A 67 0.61 -13.96 -4.20
C VAL A 67 1.56 -15.07 -3.67
N VAL A 68 1.03 -16.26 -3.30
CA VAL A 68 1.93 -17.34 -2.80
C VAL A 68 1.81 -18.61 -3.65
N GLY A 69 1.52 -18.46 -4.96
CA GLY A 69 1.20 -19.61 -5.81
C GLY A 69 2.28 -19.99 -6.82
N THR A 70 3.41 -19.29 -6.90
CA THR A 70 4.45 -19.59 -7.89
C THR A 70 5.78 -19.80 -7.17
N ALA A 71 6.66 -20.58 -7.80
CA ALA A 71 8.01 -20.82 -7.27
C ALA A 71 8.80 -19.50 -7.21
N GLU A 72 8.71 -18.70 -8.27
CA GLU A 72 9.54 -17.45 -8.35
C GLU A 72 9.09 -16.45 -7.27
N ASP A 73 7.80 -16.30 -7.06
CA ASP A 73 7.26 -15.38 -6.01
C ASP A 73 7.65 -15.91 -4.63
N ASN A 74 7.47 -17.22 -4.44
CA ASN A 74 7.74 -17.81 -3.11
C ASN A 74 9.25 -17.79 -2.80
N ARG A 75 10.11 -17.90 -3.82
CA ARG A 75 11.60 -17.73 -3.59
C ARG A 75 11.87 -16.31 -3.01
N SER A 76 11.29 -15.30 -3.64
CA SER A 76 11.43 -13.90 -3.18
C SER A 76 10.89 -13.78 -1.75
N HIS A 77 9.70 -14.30 -1.50
CA HIS A 77 9.11 -14.20 -0.16
C HIS A 77 9.98 -14.91 0.87
N SER A 78 10.40 -16.12 0.53
CA SER A 78 11.23 -16.92 1.43
C SER A 78 12.48 -16.14 1.86
N ALA A 79 13.17 -15.56 0.88
CA ALA A 79 14.42 -14.84 1.19
C ALA A 79 14.12 -13.77 2.26
N HIS A 80 13.06 -12.99 2.08
CA HIS A 80 12.76 -11.88 3.04
C HIS A 80 12.31 -12.44 4.40
N PHE A 81 11.47 -13.50 4.40
CA PHE A 81 11.01 -14.03 5.70
C PHE A 81 12.18 -14.64 6.48
N PHE A 82 13.10 -15.34 5.80
CA PHE A 82 14.28 -15.89 6.49
C PHE A 82 15.12 -14.75 7.07
N GLU A 83 15.34 -13.71 6.29
CA GLU A 83 16.17 -12.57 6.77
C GLU A 83 15.55 -11.95 8.04
N PHE A 84 14.23 -11.82 8.06
CA PHE A 84 13.49 -11.22 9.20
C PHE A 84 13.55 -12.15 10.41
N LEU A 85 13.18 -13.42 10.19
CA LEU A 85 12.97 -14.36 11.33
C LEU A 85 14.29 -14.85 11.94
N THR A 86 15.33 -15.05 11.13
CA THR A 86 16.62 -15.50 11.70
C THR A 86 17.07 -14.45 12.73
N LYS A 87 16.97 -13.17 12.39
CA LYS A 87 17.40 -12.06 13.28
C LYS A 87 16.49 -11.98 14.50
N GLU A 88 15.16 -11.96 14.28
CA GLU A 88 14.22 -11.76 15.41
C GLU A 88 14.32 -12.90 16.43
N LEU A 89 14.36 -14.14 15.94
CA LEU A 89 14.31 -15.32 16.84
C LEU A 89 15.72 -15.78 17.24
N ALA A 90 16.77 -15.16 16.72
CA ALA A 90 18.16 -15.61 17.03
C ALA A 90 18.30 -17.08 16.67
N LEU A 91 17.87 -17.43 15.45
CA LEU A 91 17.96 -18.80 14.92
C LEU A 91 18.75 -18.81 13.63
N GLY A 92 19.53 -19.86 13.43
CA GLY A 92 20.19 -20.07 12.13
C GLY A 92 19.19 -20.38 11.02
N GLN A 93 19.60 -20.19 9.77
CA GLN A 93 18.81 -20.48 8.55
C GLN A 93 18.37 -21.94 8.53
N ASP A 94 19.17 -22.83 9.13
CA ASP A 94 18.85 -24.27 9.16
C ASP A 94 17.74 -24.59 10.17
N ARG A 95 17.29 -23.65 10.99
CA ARG A 95 16.33 -23.92 12.08
C ARG A 95 14.97 -23.29 11.77
N ILE A 96 14.70 -22.92 10.52
CA ILE A 96 13.39 -22.36 10.10
C ILE A 96 12.99 -23.06 8.81
N LEU A 97 11.72 -23.40 8.69
CA LEU A 97 11.12 -23.83 7.40
C LEU A 97 9.81 -23.09 7.23
N ILE A 98 9.43 -22.92 5.98
CA ILE A 98 8.20 -22.19 5.61
C ILE A 98 7.37 -23.08 4.72
N ARG A 99 6.04 -22.99 4.86
CA ARG A 99 5.10 -23.58 3.86
C ARG A 99 4.14 -22.48 3.37
N PHE A 100 3.86 -22.46 2.09
CA PHE A 100 3.01 -21.49 1.40
C PHE A 100 1.76 -22.19 0.89
N PHE A 101 0.61 -21.56 1.12
CA PHE A 101 -0.71 -22.14 0.77
C PHE A 101 -1.58 -21.09 0.09
N PRO A 102 -1.82 -21.20 -1.24
CA PRO A 102 -2.81 -20.33 -1.87
C PRO A 102 -4.22 -20.54 -1.30
N LEU A 103 -4.96 -19.44 -1.21
CA LEU A 103 -6.39 -19.40 -0.83
C LEU A 103 -7.18 -18.79 -1.97
N GLU A 104 -8.48 -19.06 -1.96
CA GLU A 104 -9.43 -18.40 -2.86
C GLU A 104 -10.46 -17.64 -2.02
N SER A 105 -11.16 -16.72 -2.67
CA SER A 105 -12.10 -15.80 -1.98
C SER A 105 -13.23 -16.53 -1.23
N TRP A 106 -13.70 -17.64 -1.77
CA TRP A 106 -14.81 -18.40 -1.20
C TRP A 106 -14.39 -19.15 0.06
N GLN A 107 -13.10 -19.19 0.35
CA GLN A 107 -12.54 -19.85 1.54
C GLN A 107 -12.46 -18.92 2.75
N ILE A 108 -12.65 -17.61 2.58
CA ILE A 108 -12.34 -16.66 3.68
C ILE A 108 -13.65 -16.07 4.19
N GLY A 109 -14.00 -16.42 5.43
CA GLY A 109 -15.19 -15.90 6.12
C GLY A 109 -14.83 -14.62 6.88
N LYS A 110 -15.58 -13.55 6.61
CA LYS A 110 -15.35 -12.20 7.19
C LYS A 110 -16.73 -11.57 7.37
N ILE A 111 -16.94 -10.96 8.53
CA ILE A 111 -18.20 -10.24 8.88
C ILE A 111 -19.44 -11.05 8.48
N GLY A 112 -19.41 -12.35 8.76
CA GLY A 112 -20.58 -13.20 8.59
C GLY A 112 -20.92 -13.59 7.17
N THR A 113 -20.03 -13.32 6.23
CA THR A 113 -20.15 -13.75 4.84
C THR A 113 -18.79 -14.29 4.40
N VAL A 114 -18.56 -14.38 3.11
CA VAL A 114 -17.23 -14.73 2.56
C VAL A 114 -16.76 -13.67 1.60
N MET A 115 -15.47 -13.65 1.34
CA MET A 115 -14.84 -12.58 0.55
C MET A 115 -15.36 -12.53 -0.89
N THR A 116 -15.90 -13.63 -1.41
CA THR A 116 -16.55 -13.62 -2.74
C THR A 116 -17.56 -12.47 -2.87
N PHE A 117 -18.26 -12.17 -1.77
CA PHE A 117 -19.37 -11.18 -1.76
C PHE A 117 -18.94 -9.85 -1.13
N LEU A 118 -17.63 -9.63 -1.00
CA LEU A 118 -17.07 -8.40 -0.37
C LEU A 118 -16.03 -7.80 -1.35
N PRO B 2 12.65 18.83 -3.70
CA PRO B 2 13.30 17.49 -3.65
C PRO B 2 14.02 17.19 -4.98
N PHE B 3 15.01 16.33 -4.91
CA PHE B 3 15.80 15.91 -6.09
C PHE B 3 15.56 14.42 -6.26
N LEU B 4 14.97 14.02 -7.37
CA LEU B 4 14.69 12.61 -7.68
C LEU B 4 15.44 12.22 -8.94
N GLU B 5 16.15 11.09 -8.90
CA GLU B 5 16.83 10.52 -10.08
C GLU B 5 16.35 9.08 -10.24
N LEU B 6 15.86 8.75 -11.42
CA LEU B 6 15.29 7.43 -11.70
C LEU B 6 16.09 6.83 -12.84
N ASP B 7 16.77 5.69 -12.59
CA ASP B 7 17.50 4.93 -13.61
C ASP B 7 16.65 3.70 -13.95
N THR B 8 16.52 3.37 -15.21
CA THR B 8 15.79 2.15 -15.61
C THR B 8 16.39 1.51 -16.87
N ASN B 9 16.30 0.18 -16.91
CA ASN B 9 16.62 -0.58 -18.12
C ASN B 9 15.40 -0.71 -19.03
N LEU B 10 14.24 -0.19 -18.67
CA LEU B 10 13.16 -0.03 -19.67
C LEU B 10 13.66 0.93 -20.74
N PRO B 11 13.52 0.59 -22.04
CA PRO B 11 13.80 1.57 -23.08
C PRO B 11 12.89 2.79 -22.94
N ALA B 12 13.29 3.93 -23.45
CA ALA B 12 12.49 5.16 -23.42
C ALA B 12 11.06 4.91 -23.90
N ASN B 13 10.86 4.05 -24.89
CA ASN B 13 9.51 3.85 -25.46
C ASN B 13 8.69 2.85 -24.63
N ARG B 14 9.17 2.46 -23.45
CA ARG B 14 8.39 1.71 -22.45
C ARG B 14 8.30 2.47 -21.14
N VAL B 15 8.67 3.74 -21.15
CA VAL B 15 8.49 4.65 -19.99
C VAL B 15 7.37 5.58 -20.41
N PRO B 16 6.21 5.60 -19.71
CA PRO B 16 5.06 6.35 -20.20
C PRO B 16 5.40 7.83 -20.39
N ALA B 17 4.89 8.41 -21.46
CA ALA B 17 5.04 9.84 -21.76
C ALA B 17 4.58 10.67 -20.56
N GLY B 18 5.37 11.68 -20.20
CA GLY B 18 4.99 12.58 -19.11
C GLY B 18 5.35 12.08 -17.73
N LEU B 19 6.05 10.97 -17.59
CA LEU B 19 6.37 10.49 -16.24
C LEU B 19 7.12 11.50 -15.37
N GLU B 20 8.08 12.20 -15.94
CA GLU B 20 8.90 13.16 -15.15
C GLU B 20 7.98 14.26 -14.55
N LYS B 21 6.95 14.69 -15.24
CA LYS B 21 5.98 15.69 -14.74
C LYS B 21 5.10 15.06 -13.66
N ARG B 22 4.58 13.85 -13.89
CA ARG B 22 3.71 13.21 -12.87
C ARG B 22 4.52 12.89 -11.61
N LEU B 23 5.80 12.57 -11.72
CA LEU B 23 6.64 12.35 -10.50
C LEU B 23 6.78 13.65 -9.69
N CYS B 24 6.74 14.85 -10.32
CA CYS B 24 6.72 16.12 -9.53
C CYS B 24 5.49 16.18 -8.64
N ALA B 25 4.32 15.94 -9.21
CA ALA B 25 3.08 15.94 -8.43
C ALA B 25 3.13 14.87 -7.34
N ALA B 26 3.62 13.68 -7.70
CA ALA B 26 3.66 12.58 -6.71
C ALA B 26 4.60 12.96 -5.56
N ALA B 27 5.79 13.41 -5.86
CA ALA B 27 6.77 13.75 -4.81
C ALA B 27 6.26 14.92 -3.96
N ALA B 28 5.56 15.87 -4.56
CA ALA B 28 5.00 17.00 -3.80
C ALA B 28 4.10 16.47 -2.68
N SER B 29 3.17 15.59 -3.06
CA SER B 29 2.21 15.04 -2.08
C SER B 29 2.89 14.14 -1.05
N ILE B 30 3.84 13.32 -1.48
CA ILE B 30 4.49 12.36 -0.57
C ILE B 30 5.39 13.09 0.42
N LEU B 31 6.18 14.06 -0.06
CA LEU B 31 7.24 14.67 0.77
C LEU B 31 6.78 15.98 1.39
N GLY B 32 5.62 16.48 1.01
CA GLY B 32 5.05 17.72 1.57
C GLY B 32 5.82 18.98 1.23
N LYS B 33 6.35 19.04 0.03
CA LYS B 33 7.03 20.23 -0.52
C LYS B 33 6.35 20.56 -1.82
N PRO B 34 6.34 21.84 -2.24
CA PRO B 34 5.61 22.20 -3.44
C PRO B 34 6.10 21.55 -4.73
N ALA B 35 5.18 21.22 -5.65
CA ALA B 35 5.50 20.59 -6.94
C ALA B 35 6.52 21.46 -7.69
N ASP B 36 6.45 22.79 -7.51
CA ASP B 36 7.36 23.73 -8.24
C ASP B 36 8.78 23.73 -7.62
N ARG B 37 9.02 22.93 -6.60
CA ARG B 37 10.36 22.71 -6.01
C ARG B 37 10.83 21.27 -6.19
N VAL B 38 10.16 20.54 -7.04
CA VAL B 38 10.57 19.15 -7.34
C VAL B 38 11.36 19.09 -8.64
N ASN B 39 12.49 18.42 -8.54
CA ASN B 39 13.43 18.22 -9.66
C ASN B 39 13.49 16.73 -9.94
N VAL B 40 13.24 16.31 -11.17
CA VAL B 40 13.21 14.88 -11.56
C VAL B 40 14.15 14.68 -12.74
N THR B 41 14.94 13.62 -12.67
CA THR B 41 15.78 13.18 -13.79
C THR B 41 15.46 11.71 -14.06
N VAL B 42 15.07 11.36 -15.29
CA VAL B 42 14.83 9.97 -15.70
C VAL B 42 15.87 9.61 -16.75
N ARG B 43 16.55 8.47 -16.51
CA ARG B 43 17.62 7.95 -17.38
C ARG B 43 17.18 6.56 -17.83
N PRO B 44 16.53 6.44 -19.01
CA PRO B 44 16.04 5.15 -19.49
C PRO B 44 17.07 4.43 -20.36
N GLY B 45 16.76 3.23 -20.77
CA GLY B 45 17.57 2.50 -21.75
C GLY B 45 18.93 2.01 -21.21
N LEU B 46 19.13 1.98 -19.90
CA LEU B 46 20.39 1.63 -19.28
C LEU B 46 20.54 0.11 -19.23
N ALA B 47 21.73 -0.38 -18.94
CA ALA B 47 21.95 -1.81 -18.67
C ALA B 47 21.95 -2.02 -17.16
N MET B 48 21.00 -2.79 -16.62
CA MET B 48 20.86 -2.90 -15.15
C MET B 48 20.64 -4.35 -14.74
N ALA B 49 21.15 -4.66 -13.56
CA ALA B 49 20.77 -5.88 -12.80
C ALA B 49 20.26 -5.40 -11.45
N LEU B 50 19.22 -6.00 -10.98
CA LEU B 50 18.67 -5.68 -9.64
C LEU B 50 18.40 -7.00 -8.98
N SER B 51 18.94 -7.19 -7.79
CA SER B 51 18.97 -8.50 -7.10
C SER B 51 19.57 -9.56 -8.03
N GLY B 52 20.62 -9.20 -8.76
CA GLY B 52 21.34 -10.17 -9.60
C GLY B 52 20.68 -10.44 -10.94
N SER B 53 19.47 -9.88 -11.20
CA SER B 53 18.62 -10.25 -12.37
C SER B 53 18.56 -9.05 -13.35
N THR B 54 18.61 -9.28 -14.67
CA THR B 54 18.56 -8.20 -15.69
C THR B 54 17.16 -7.97 -16.26
N GLU B 55 16.14 -8.60 -15.67
CA GLU B 55 14.75 -8.29 -16.05
C GLU B 55 14.46 -6.80 -15.82
N PRO B 56 13.41 -6.24 -16.46
CA PRO B 56 13.10 -4.85 -16.25
C PRO B 56 13.04 -4.47 -14.77
N CYS B 57 13.61 -3.32 -14.45
CA CYS B 57 13.75 -2.82 -13.07
C CYS B 57 13.96 -1.31 -13.08
N ALA B 58 13.95 -0.72 -11.89
CA ALA B 58 14.24 0.71 -11.74
C ALA B 58 14.82 1.01 -10.38
N GLN B 59 15.65 2.03 -10.38
CA GLN B 59 16.34 2.53 -9.13
C GLN B 59 15.88 4.03 -8.97
N LEU B 60 15.46 4.43 -7.79
CA LEU B 60 15.13 5.84 -7.51
C LEU B 60 16.04 6.35 -6.38
N SER B 61 16.60 7.53 -6.57
CA SER B 61 17.28 8.26 -5.51
C SER B 61 16.48 9.51 -5.17
N ILE B 62 16.33 9.76 -3.88
CA ILE B 62 15.51 10.91 -3.39
C ILE B 62 16.35 11.68 -2.40
N SER B 63 16.56 12.97 -2.67
CA SER B 63 17.33 13.84 -1.77
C SER B 63 16.53 15.08 -1.39
N SER B 64 16.59 15.47 -0.13
CA SER B 64 15.82 16.63 0.36
C SER B 64 16.33 17.05 1.72
N ILE B 65 16.11 18.33 2.04
CA ILE B 65 16.37 18.85 3.40
C ILE B 65 15.28 18.42 4.37
N GLY B 66 15.69 17.82 5.49
CA GLY B 66 14.79 17.67 6.66
C GLY B 66 13.88 16.48 6.64
N VAL B 67 13.39 16.02 5.49
CA VAL B 67 12.24 15.08 5.46
C VAL B 67 12.60 13.66 5.05
N VAL B 68 13.86 13.36 4.71
CA VAL B 68 14.24 11.97 4.35
C VAL B 68 15.34 11.42 5.26
N GLY B 69 15.33 11.83 6.54
CA GLY B 69 16.42 11.47 7.44
C GLY B 69 16.09 10.48 8.55
N THR B 70 14.87 9.98 8.61
CA THR B 70 14.48 9.01 9.65
C THR B 70 13.90 7.75 9.01
N ALA B 71 14.03 6.62 9.71
CA ALA B 71 13.43 5.36 9.24
C ALA B 71 11.91 5.50 9.13
N GLU B 72 11.29 6.10 10.15
CA GLU B 72 9.80 6.18 10.21
C GLU B 72 9.26 7.04 9.04
N ASP B 73 9.92 8.18 8.76
CA ASP B 73 9.48 9.05 7.63
C ASP B 73 9.70 8.28 6.31
N ASN B 74 10.89 7.67 6.18
CA ASN B 74 11.23 6.99 4.92
C ASN B 74 10.38 5.74 4.66
N ARG B 75 9.93 5.07 5.69
CA ARG B 75 8.95 3.98 5.54
C ARG B 75 7.69 4.49 4.83
N SER B 76 7.14 5.60 5.31
CA SER B 76 5.91 6.18 4.72
C SER B 76 6.22 6.59 3.29
N HIS B 77 7.35 7.28 3.10
CA HIS B 77 7.68 7.79 1.74
C HIS B 77 7.80 6.60 0.78
N SER B 78 8.53 5.56 1.20
CA SER B 78 8.75 4.38 0.37
C SER B 78 7.41 3.76 -0.07
N ALA B 79 6.46 3.59 0.86
CA ALA B 79 5.18 2.96 0.50
C ALA B 79 4.56 3.73 -0.66
N HIS B 80 4.50 5.04 -0.55
CA HIS B 80 3.84 5.86 -1.59
C HIS B 80 4.57 5.85 -2.92
N PHE B 81 5.90 5.95 -2.88
CA PHE B 81 6.68 5.93 -4.14
C PHE B 81 6.59 4.56 -4.82
N PHE B 82 6.57 3.48 -4.04
CA PHE B 82 6.40 2.13 -4.64
C PHE B 82 5.03 2.04 -5.32
N GLU B 83 3.96 2.49 -4.64
CA GLU B 83 2.61 2.45 -5.25
CA GLU B 83 2.62 2.46 -5.25
C GLU B 83 2.62 3.17 -6.60
N PHE B 84 3.21 4.37 -6.61
CA PHE B 84 3.23 5.20 -7.83
C PHE B 84 4.03 4.50 -8.93
N LEU B 85 5.26 4.04 -8.63
CA LEU B 85 6.17 3.57 -9.68
C LEU B 85 5.82 2.17 -10.17
N THR B 86 5.34 1.28 -9.31
CA THR B 86 4.93 -0.05 -9.77
C THR B 86 3.86 0.12 -10.86
N LYS B 87 2.90 0.99 -10.63
CA LYS B 87 1.78 1.19 -11.59
C LYS B 87 2.30 1.90 -12.85
N GLU B 88 3.07 2.98 -12.68
CA GLU B 88 3.50 3.76 -13.86
C GLU B 88 4.38 2.91 -14.76
N LEU B 89 5.33 2.19 -14.18
CA LEU B 89 6.35 1.46 -14.97
C LEU B 89 5.95 0.03 -15.28
N ALA B 90 4.83 -0.44 -14.73
CA ALA B 90 4.33 -1.82 -14.90
C ALA B 90 5.43 -2.78 -14.41
N LEU B 91 5.95 -2.50 -13.21
CA LEU B 91 6.99 -3.31 -12.54
C LEU B 91 6.44 -3.83 -11.21
N GLY B 92 6.82 -5.07 -10.86
CA GLY B 92 6.52 -5.54 -9.51
C GLY B 92 7.38 -4.89 -8.46
N GLN B 93 6.94 -5.00 -7.23
CA GLN B 93 7.67 -4.32 -6.11
C GLN B 93 9.06 -4.91 -5.88
N ASP B 94 9.30 -6.13 -6.33
CA ASP B 94 10.65 -6.75 -6.25
C ASP B 94 11.62 -6.15 -7.29
N ARG B 95 11.14 -5.31 -8.19
CA ARG B 95 11.98 -4.78 -9.28
C ARG B 95 12.30 -3.30 -9.12
N ILE B 96 12.04 -2.71 -7.94
CA ILE B 96 12.32 -1.30 -7.67
C ILE B 96 13.05 -1.22 -6.35
N LEU B 97 14.05 -0.36 -6.25
CA LEU B 97 14.70 0.01 -4.98
C LEU B 97 14.84 1.53 -4.94
N ILE B 98 14.84 2.04 -3.73
CA ILE B 98 14.95 3.50 -3.46
C ILE B 98 16.12 3.72 -2.51
N ARG B 99 16.87 4.80 -2.71
CA ARG B 99 17.81 5.33 -1.70
C ARG B 99 17.46 6.75 -1.35
N PHE B 100 17.51 7.05 -0.07
CA PHE B 100 17.19 8.38 0.49
C PHE B 100 18.47 9.05 1.01
N PHE B 101 18.63 10.32 0.64
CA PHE B 101 19.82 11.13 0.99
C PHE B 101 19.45 12.49 1.56
N PRO B 102 19.60 12.71 2.86
CA PRO B 102 19.45 14.05 3.39
C PRO B 102 20.42 15.04 2.76
N LEU B 103 19.93 16.26 2.58
CA LEU B 103 20.76 17.41 2.10
C LEU B 103 20.69 18.52 3.13
N GLU B 104 21.71 19.40 3.09
CA GLU B 104 21.67 20.66 3.88
CA GLU B 104 21.75 20.65 3.89
C GLU B 104 21.76 21.86 2.93
N SER B 105 21.35 23.01 3.41
CA SER B 105 21.21 24.22 2.58
C SER B 105 22.55 24.61 1.92
N TRP B 106 23.65 24.43 2.62
CA TRP B 106 24.98 24.84 2.10
C TRP B 106 25.43 24.00 0.93
N GLN B 107 24.75 22.88 0.68
CA GLN B 107 25.08 21.97 -0.47
C GLN B 107 24.32 22.33 -1.74
N ILE B 108 23.33 23.23 -1.67
CA ILE B 108 22.42 23.40 -2.82
C ILE B 108 22.71 24.76 -3.48
N GLY B 109 23.32 24.69 -4.65
CA GLY B 109 23.64 25.86 -5.47
C GLY B 109 22.45 26.25 -6.34
N LYS B 110 21.99 27.47 -6.13
CA LYS B 110 20.78 27.97 -6.82
C LYS B 110 21.03 29.45 -7.13
N ILE B 111 20.66 29.88 -8.33
CA ILE B 111 20.78 31.29 -8.81
C ILE B 111 22.12 31.89 -8.42
N GLY B 112 23.21 31.13 -8.64
CA GLY B 112 24.57 31.66 -8.47
C GLY B 112 25.08 31.79 -7.05
N THR B 113 24.31 31.31 -6.07
CA THR B 113 24.73 31.28 -4.65
C THR B 113 24.36 29.89 -4.09
N VAL B 114 24.25 29.80 -2.77
CA VAL B 114 23.69 28.59 -2.14
C VAL B 114 22.50 29.00 -1.29
N MET B 115 21.67 28.01 -0.98
CA MET B 115 20.38 28.25 -0.28
C MET B 115 20.56 28.88 1.09
N THR B 116 21.72 28.68 1.71
CA THR B 116 22.04 29.32 3.00
C THR B 116 21.76 30.82 2.95
N PHE B 117 22.02 31.47 1.83
CA PHE B 117 21.95 32.97 1.68
C PHE B 117 20.66 33.43 0.96
N LEU B 118 19.66 32.57 0.90
CA LEU B 118 18.38 32.87 0.22
C LEU B 118 17.23 32.68 1.20
N PRO C 2 -23.44 2.98 5.12
CA PRO C 2 -22.56 4.13 4.74
C PRO C 2 -23.11 4.85 3.52
N PHE C 3 -22.71 6.11 3.36
CA PHE C 3 -23.16 6.98 2.23
C PHE C 3 -21.90 7.38 1.46
N LEU C 4 -21.80 6.98 0.22
CA LEU C 4 -20.65 7.27 -0.67
C LEU C 4 -21.13 8.08 -1.86
N GLU C 5 -20.48 9.21 -2.14
CA GLU C 5 -20.79 10.00 -3.34
C GLU C 5 -19.51 10.18 -4.13
N LEU C 6 -19.52 9.81 -5.40
CA LEU C 6 -18.32 9.82 -6.29
C LEU C 6 -18.62 10.76 -7.45
N ASP C 7 -17.87 11.85 -7.53
CA ASP C 7 -17.88 12.79 -8.66
C ASP C 7 -16.70 12.49 -9.57
N THR C 8 -16.91 12.49 -10.88
CA THR C 8 -15.77 12.28 -11.80
C THR C 8 -15.99 13.07 -13.08
N ASN C 9 -14.89 13.49 -13.69
CA ASN C 9 -14.89 14.06 -15.05
C ASN C 9 -14.68 12.99 -16.10
N LEU C 10 -14.58 11.73 -15.72
CA LEU C 10 -14.71 10.65 -16.71
C LEU C 10 -16.15 10.64 -17.21
N PRO C 11 -16.36 10.56 -18.53
CA PRO C 11 -17.72 10.41 -19.04
C PRO C 11 -18.29 9.08 -18.55
N ALA C 12 -19.61 9.01 -18.56
CA ALA C 12 -20.30 7.78 -18.14
C ALA C 12 -19.75 6.55 -18.89
N ASN C 13 -19.42 6.69 -20.16
CA ASN C 13 -18.95 5.54 -20.97
C ASN C 13 -17.48 5.19 -20.69
N ARG C 14 -16.86 5.82 -19.71
CA ARG C 14 -15.51 5.43 -19.22
C ARG C 14 -15.56 5.05 -17.75
N VAL C 15 -16.75 4.85 -17.22
CA VAL C 15 -16.99 4.36 -15.85
C VAL C 15 -17.53 2.95 -16.01
N PRO C 16 -16.84 1.91 -15.48
CA PRO C 16 -17.21 0.53 -15.77
C PRO C 16 -18.63 0.19 -15.30
N ALA C 17 -19.37 -0.57 -16.12
CA ALA C 17 -20.71 -1.05 -15.75
C ALA C 17 -20.61 -1.84 -14.43
N GLY C 18 -21.58 -1.65 -13.54
CA GLY C 18 -21.62 -2.41 -12.27
C GLY C 18 -20.82 -1.78 -11.14
N LEU C 19 -20.22 -0.62 -11.38
CA LEU C 19 -19.36 0.02 -10.33
C LEU C 19 -20.14 0.17 -9.02
N GLU C 20 -21.43 0.51 -9.06
CA GLU C 20 -22.19 0.80 -7.82
C GLU C 20 -22.24 -0.44 -6.93
N LYS C 21 -22.62 -1.61 -7.47
CA LYS C 21 -22.77 -2.81 -6.60
C LYS C 21 -21.38 -3.22 -6.15
N ARG C 22 -20.36 -3.04 -7.02
CA ARG C 22 -19.01 -3.44 -6.58
C ARG C 22 -18.57 -2.53 -5.46
N LEU C 23 -18.94 -1.25 -5.50
CA LEU C 23 -18.54 -0.33 -4.40
C LEU C 23 -19.34 -0.62 -3.13
N CYS C 24 -20.58 -1.11 -3.23
CA CYS C 24 -21.29 -1.57 -2.02
C CYS C 24 -20.52 -2.70 -1.33
N ALA C 25 -20.12 -3.71 -2.11
CA ALA C 25 -19.37 -4.86 -1.57
C ALA C 25 -18.06 -4.38 -0.97
N ALA C 26 -17.34 -3.53 -1.69
CA ALA C 26 -16.02 -3.06 -1.20
C ALA C 26 -16.26 -2.27 0.10
N ALA C 27 -17.27 -1.39 0.15
CA ALA C 27 -17.48 -0.58 1.37
C ALA C 27 -17.83 -1.49 2.55
N ALA C 28 -18.51 -2.62 2.30
CA ALA C 28 -18.80 -3.58 3.38
C ALA C 28 -17.48 -4.16 3.93
N SER C 29 -16.59 -4.55 3.03
CA SER C 29 -15.27 -5.10 3.40
C SER C 29 -14.49 -4.06 4.20
N ILE C 30 -14.55 -2.80 3.78
CA ILE C 30 -13.63 -1.76 4.33
C ILE C 30 -14.20 -1.17 5.62
N LEU C 31 -15.50 -0.83 5.63
CA LEU C 31 -16.10 -0.14 6.81
C LEU C 31 -16.79 -1.10 7.77
N GLY C 32 -17.08 -2.32 7.34
CA GLY C 32 -17.58 -3.36 8.24
C GLY C 32 -19.08 -3.44 8.36
N LYS C 33 -19.82 -2.59 7.70
CA LYS C 33 -21.29 -2.59 7.72
C LYS C 33 -21.81 -3.31 6.47
N PRO C 34 -22.91 -4.09 6.54
CA PRO C 34 -23.32 -4.93 5.41
C PRO C 34 -23.54 -4.13 4.12
N ALA C 35 -23.29 -4.80 3.02
CA ALA C 35 -23.48 -4.24 1.67
C ALA C 35 -24.92 -3.70 1.49
N ASP C 36 -25.90 -4.35 2.10
CA ASP C 36 -27.31 -3.92 1.98
C ASP C 36 -27.62 -2.70 2.86
N ARG C 37 -26.61 -2.12 3.50
CA ARG C 37 -26.72 -0.84 4.20
C ARG C 37 -25.79 0.18 3.53
N VAL C 38 -25.35 -0.07 2.31
CA VAL C 38 -24.46 0.88 1.63
C VAL C 38 -25.27 1.61 0.54
N ASN C 39 -25.06 2.92 0.51
CA ASN C 39 -25.72 3.85 -0.43
C ASN C 39 -24.63 4.51 -1.25
N VAL C 40 -24.73 4.41 -2.57
CA VAL C 40 -23.71 4.91 -3.49
C VAL C 40 -24.38 5.85 -4.49
N THR C 41 -23.76 6.99 -4.76
CA THR C 41 -24.18 7.91 -5.81
C THR C 41 -22.97 8.23 -6.68
N VAL C 42 -23.06 8.00 -7.97
CA VAL C 42 -21.97 8.29 -8.94
C VAL C 42 -22.49 9.36 -9.89
N ARG C 43 -21.71 10.44 -10.01
CA ARG C 43 -22.03 11.61 -10.88
C ARG C 43 -20.91 11.76 -11.89
N PRO C 44 -21.03 11.15 -13.10
CA PRO C 44 -19.98 11.20 -14.09
C PRO C 44 -20.16 12.38 -15.04
N GLY C 45 -19.17 12.60 -15.89
CA GLY C 45 -19.25 13.61 -16.95
C GLY C 45 -19.21 15.04 -16.45
N LEU C 46 -18.71 15.27 -15.25
CA LEU C 46 -18.62 16.61 -14.66
C LEU C 46 -17.39 17.31 -15.22
N ALA C 47 -17.29 18.60 -14.95
CA ALA C 47 -16.10 19.40 -15.28
C ALA C 47 -15.30 19.56 -13.99
N MET C 48 -14.09 19.01 -13.91
CA MET C 48 -13.33 18.97 -12.65
C MET C 48 -11.87 19.33 -12.89
N ALA C 49 -11.30 19.99 -11.87
CA ALA C 49 -9.86 20.14 -11.68
C ALA C 49 -9.51 19.52 -10.34
N LEU C 50 -8.37 18.86 -10.28
CA LEU C 50 -7.85 18.27 -9.01
C LEU C 50 -6.37 18.66 -8.98
N SER C 51 -5.92 19.25 -7.88
CA SER C 51 -4.54 19.81 -7.81
C SER C 51 -4.32 20.77 -8.99
N GLY C 52 -5.31 21.60 -9.32
CA GLY C 52 -5.15 22.57 -10.40
C GLY C 52 -5.23 22.03 -11.82
N SER C 53 -5.36 20.74 -12.01
CA SER C 53 -5.29 20.08 -13.34
C SER C 53 -6.64 19.47 -13.73
N THR C 54 -7.04 19.60 -14.99
CA THR C 54 -8.30 19.05 -15.53
C THR C 54 -8.13 17.65 -16.15
N GLU C 55 -6.99 17.00 -15.98
CA GLU C 55 -6.83 15.58 -16.36
C GLU C 55 -7.89 14.75 -15.63
N PRO C 56 -8.21 13.54 -16.14
CA PRO C 56 -9.20 12.69 -15.47
C PRO C 56 -8.90 12.54 -13.98
N CYS C 57 -9.96 12.60 -13.17
CA CYS C 57 -9.86 12.57 -11.70
C CYS C 57 -11.19 12.12 -11.10
N ALA C 58 -11.19 11.91 -9.80
CA ALA C 58 -12.42 11.60 -9.07
C ALA C 58 -12.31 12.09 -7.64
N GLN C 59 -13.47 12.44 -7.08
CA GLN C 59 -13.60 12.77 -5.65
C GLN C 59 -14.65 11.88 -5.02
N LEU C 60 -14.33 11.34 -3.86
CA LEU C 60 -15.26 10.49 -3.10
C LEU C 60 -15.53 11.12 -1.75
N SER C 61 -16.80 11.20 -1.36
CA SER C 61 -17.24 11.57 0.00
C SER C 61 -17.78 10.32 0.67
N ILE C 62 -17.39 10.10 1.92
CA ILE C 62 -17.80 8.91 2.70
C ILE C 62 -18.35 9.35 4.03
N SER C 63 -19.61 9.03 4.29
CA SER C 63 -20.26 9.46 5.55
C SER C 63 -20.86 8.26 6.27
N SER C 64 -20.67 8.19 7.60
CA SER C 64 -21.14 7.02 8.37
C SER C 64 -21.15 7.37 9.85
N ILE C 65 -22.01 6.71 10.62
CA ILE C 65 -21.98 6.78 12.10
C ILE C 65 -20.77 6.00 12.61
N GLY C 66 -19.98 6.63 13.47
CA GLY C 66 -19.02 5.92 14.33
C GLY C 66 -17.69 5.56 13.70
N VAL C 67 -17.61 5.24 12.40
CA VAL C 67 -16.42 4.52 11.84
C VAL C 67 -15.54 5.41 10.96
N VAL C 68 -15.88 6.69 10.76
CA VAL C 68 -15.04 7.56 9.91
C VAL C 68 -14.59 8.81 10.68
N GLY C 69 -14.35 8.70 11.98
CA GLY C 69 -14.16 9.84 12.86
C GLY C 69 -12.75 10.01 13.39
N THR C 70 -11.81 9.13 13.07
CA THR C 70 -10.43 9.19 13.62
C THR C 70 -9.43 9.13 12.48
N ALA C 71 -8.27 9.73 12.69
CA ALA C 71 -7.16 9.66 11.72
C ALA C 71 -6.73 8.23 11.45
N GLU C 72 -6.61 7.42 12.50
CA GLU C 72 -6.10 6.03 12.32
C GLU C 72 -7.13 5.18 11.56
N ASP C 73 -8.40 5.34 11.86
CA ASP C 73 -9.45 4.61 11.10
C ASP C 73 -9.41 5.06 9.64
N ASN C 74 -9.40 6.37 9.45
CA ASN C 74 -9.51 6.89 8.07
C ASN C 74 -8.25 6.62 7.24
N ARG C 75 -7.09 6.52 7.86
CA ARG C 75 -5.85 6.17 7.13
C ARG C 75 -6.06 4.80 6.47
N SER C 76 -6.54 3.82 7.24
CA SER C 76 -6.80 2.44 6.75
C SER C 76 -7.88 2.53 5.67
N HIS C 77 -9.00 3.18 5.98
CA HIS C 77 -10.12 3.23 5.01
C HIS C 77 -9.63 3.83 3.69
N SER C 78 -8.87 4.93 3.80
CA SER C 78 -8.34 5.61 2.61
C SER C 78 -7.53 4.65 1.75
N ALA C 79 -6.58 3.94 2.35
CA ALA C 79 -5.74 3.02 1.56
C ALA C 79 -6.63 2.10 0.71
N HIS C 80 -7.66 1.51 1.33
CA HIS C 80 -8.50 0.51 0.62
C HIS C 80 -9.39 1.15 -0.48
N PHE C 81 -9.95 2.33 -0.18
CA PHE C 81 -10.82 2.99 -1.19
C PHE C 81 -9.98 3.51 -2.35
N PHE C 82 -8.77 3.96 -2.08
CA PHE C 82 -7.84 4.36 -3.17
C PHE C 82 -7.53 3.15 -4.05
N GLU C 83 -7.21 2.02 -3.44
CA GLU C 83 -6.87 0.83 -4.27
C GLU C 83 -8.06 0.42 -5.14
N PHE C 84 -9.25 0.46 -4.57
CA PHE C 84 -10.48 0.11 -5.30
C PHE C 84 -10.67 1.05 -6.48
N LEU C 85 -10.60 2.37 -6.25
CA LEU C 85 -10.90 3.35 -7.31
C LEU C 85 -9.82 3.40 -8.38
N THR C 86 -8.55 3.25 -8.00
CA THR C 86 -7.46 3.27 -9.01
C THR C 86 -7.72 2.15 -10.00
N LYS C 87 -8.03 0.95 -9.52
CA LYS C 87 -8.31 -0.20 -10.40
C LYS C 87 -9.55 0.08 -11.24
N GLU C 88 -10.66 0.43 -10.60
CA GLU C 88 -11.93 0.53 -11.35
C GLU C 88 -11.85 1.65 -12.40
N LEU C 89 -11.31 2.81 -12.04
CA LEU C 89 -11.40 4.01 -12.89
C LEU C 89 -10.14 4.19 -13.74
N ALA C 90 -9.12 3.37 -13.53
CA ALA C 90 -7.85 3.49 -14.28
C ALA C 90 -7.25 4.88 -14.03
N LEU C 91 -7.21 5.29 -12.77
CA LEU C 91 -6.63 6.57 -12.32
C LEU C 91 -5.45 6.28 -11.40
N GLY C 92 -4.45 7.16 -11.42
CA GLY C 92 -3.37 7.13 -10.44
C GLY C 92 -3.84 7.73 -9.13
N GLN C 93 -3.11 7.40 -8.06
CA GLN C 93 -3.57 7.89 -6.74
C GLN C 93 -3.45 9.41 -6.61
N ASP C 94 -2.67 10.12 -7.43
CA ASP C 94 -2.63 11.60 -7.38
C ASP C 94 -3.89 12.22 -8.01
N ARG C 95 -4.79 11.40 -8.57
CA ARG C 95 -5.98 11.91 -9.28
C ARG C 95 -7.25 11.54 -8.53
N ILE C 96 -7.15 11.19 -7.26
CA ILE C 96 -8.31 10.84 -6.40
C ILE C 96 -8.15 11.60 -5.07
N LEU C 97 -9.20 12.15 -4.53
CA LEU C 97 -9.22 12.65 -3.15
C LEU C 97 -10.50 12.17 -2.47
N ILE C 98 -10.42 11.92 -1.18
CA ILE C 98 -11.56 11.47 -0.35
C ILE C 98 -11.79 12.48 0.77
N ARG C 99 -13.06 12.69 1.09
CA ARG C 99 -13.42 13.41 2.34
C ARG C 99 -14.31 12.49 3.18
N PHE C 100 -14.07 12.46 4.48
CA PHE C 100 -14.81 11.64 5.44
C PHE C 100 -15.66 12.55 6.33
N PHE C 101 -16.92 12.15 6.54
CA PHE C 101 -17.89 12.95 7.35
C PHE C 101 -18.61 12.07 8.34
N PRO C 102 -18.30 12.15 9.65
CA PRO C 102 -19.14 11.47 10.65
C PRO C 102 -20.58 11.98 10.63
N LEU C 103 -21.49 11.04 10.85
CA LEU C 103 -22.93 11.31 10.97
C LEU C 103 -23.41 10.87 12.35
N GLU C 104 -24.54 11.41 12.77
CA GLU C 104 -25.25 10.96 13.98
C GLU C 104 -26.66 10.49 13.57
N SER C 105 -27.26 9.64 14.40
CA SER C 105 -28.56 9.00 14.11
C SER C 105 -29.68 10.03 13.89
N TRP C 106 -29.64 11.17 14.58
CA TRP C 106 -30.70 12.18 14.47
C TRP C 106 -30.66 12.93 13.15
N GLN C 107 -29.59 12.77 12.38
CA GLN C 107 -29.44 13.42 11.04
C GLN C 107 -29.96 12.53 9.90
N ILE C 108 -30.29 11.26 10.17
CA ILE C 108 -30.60 10.31 9.06
C ILE C 108 -32.08 10.03 9.04
N GLY C 109 -32.75 10.53 8.00
CA GLY C 109 -34.17 10.28 7.77
C GLY C 109 -34.36 8.99 7.00
N LYS C 110 -35.08 8.05 7.59
CA LYS C 110 -35.25 6.68 7.08
C LYS C 110 -36.70 6.32 7.33
N ILE C 111 -37.38 5.80 6.33
CA ILE C 111 -38.81 5.40 6.36
C ILE C 111 -39.69 6.37 7.14
N GLY C 112 -39.54 7.66 6.84
CA GLY C 112 -40.46 8.66 7.37
C GLY C 112 -40.23 9.00 8.84
N THR C 113 -39.08 8.57 9.40
CA THR C 113 -38.66 8.99 10.77
C THR C 113 -37.17 9.30 10.70
N VAL C 114 -36.50 9.29 11.84
CA VAL C 114 -35.00 9.33 11.85
C VAL C 114 -34.54 8.09 12.59
N MET C 115 -33.29 7.73 12.36
CA MET C 115 -32.72 6.47 12.91
C MET C 115 -32.77 6.43 14.44
N THR C 116 -32.78 7.58 15.08
CA THR C 116 -32.93 7.65 16.55
C THR C 116 -34.09 6.76 17.03
N PHE C 117 -35.16 6.68 16.27
CA PHE C 117 -36.44 6.03 16.67
C PHE C 117 -36.58 4.66 15.99
N LEU C 118 -35.52 4.08 15.42
CA LEU C 118 -35.57 2.74 14.82
C LEU C 118 -34.59 1.81 15.54
C2 R3K D . -5.62 -12.66 1.71
O3 R3K D . -5.83 -12.89 0.52
C8 R3K D . -8.82 -11.11 2.69
C9 R3K D . -7.84 -11.77 1.96
C4 R3K D . -6.59 -12.01 2.50
O12 R3K D . -4.54 -12.97 2.16
N1 R3K D . -6.30 -11.61 3.74
C5 R3K D . -7.27 -10.95 4.51
C6 R3K D . -8.54 -10.68 3.98
C7 R3K D . -9.57 -10.06 4.71
O11 R3K D . -10.16 -8.94 4.06
O10 R3K D . -9.19 -9.63 6.00
C1 CIT E . -11.10 -4.08 0.43
O1 CIT E . -11.33 -4.60 1.57
O2 CIT E . -10.13 -3.31 0.20
C2 CIT E . -12.20 -4.20 -0.68
C3 CIT E . -11.95 -5.33 -1.60
O7 CIT E . -10.60 -5.26 -2.06
C4 CIT E . -12.12 -6.61 -0.76
C5 CIT E . -11.77 -7.79 -1.66
O3 CIT E . -10.53 -8.02 -1.80
O4 CIT E . -12.72 -8.42 -2.17
C6 CIT E . -12.91 -5.19 -2.83
O5 CIT E . -14.13 -5.52 -2.80
O6 CIT E . -12.39 -4.80 -3.87
C2 R3K F . 14.58 20.22 -0.83
O3 R3K F . 13.91 19.21 -1.05
C8 R3K F . 15.95 23.01 -2.79
C9 R3K F . 15.71 22.18 -1.71
C4 R3K F . 14.86 21.10 -1.86
O12 R3K F . 15.05 20.36 0.30
N1 R3K F . 14.32 20.88 -3.06
C5 R3K F . 14.55 21.69 -4.15
C6 R3K F . 15.37 22.78 -4.02
C7 R3K F . 15.67 23.58 -5.14
O11 R3K F . 15.72 24.94 -4.87
O10 R3K F . 14.92 23.30 -6.28
C2 R3K G . -24.23 4.50 8.48
O3 R3K G . -23.22 4.14 7.87
C8 R3K G . -27.87 4.45 7.87
C9 R3K G . -26.67 4.68 8.53
C4 R3K G . -25.49 4.31 7.91
O12 R3K G . -24.08 5.05 9.57
N1 R3K G . -25.55 3.76 6.70
C5 R3K G . -26.73 3.53 6.02
C6 R3K G . -27.92 3.86 6.63
C7 R3K G . -29.16 3.72 5.96
O11 R3K G . -30.15 3.10 6.71
O10 R3K G . -29.11 3.17 4.67
#